data_9E6W
#
_entry.id   9E6W
#
_cell.length_a   118.789
_cell.length_b   133.081
_cell.length_c   45.356
_cell.angle_alpha   90.00
_cell.angle_beta   90.00
_cell.angle_gamma   90.00
#
_symmetry.space_group_name_H-M   'P 21 21 2'
#
loop_
_entity.id
_entity.type
_entity.pdbx_description
1 polymer 'Transcription factor p65'
2 polymer "DNA (5'-D(P*AP*CP*TP*GP*GP*GP*CP*TP*TP*TP*TP*CP*CP*AP*GP*TP*GP*A)-3')"
3 polymer "DNA (5'-D(P*TP*CP*AP*CP*TP*GP*GP*AP*AP*AP*AP*GP*CP*CP*CP*AP*GP*T)-3')"
4 water water
#
loop_
_entity_poly.entity_id
_entity_poly.type
_entity_poly.pdbx_seq_one_letter_code
_entity_poly.pdbx_strand_id
1 'polypeptide(L)'
;MPYVEIIEQPKQRGMRFRYKCEGRSAGSIPGERSTDTTKTHPTIKINGYTGPGTVRISLVTKDPPHRPHPHELVGKDCRD
GYYEADLCPDRSIHSFQNLGIQCVKKRDLEQAISQRIQTNNNPFHVPIEEQRGDYDLNAVRLCFQVTVRDPAGRPLLLTP
VLSHPIFDNRAPNTAELKICRVNRNSGSCLGGDEIFLLCDKVQKEDIEVYFTGPGWEARGSFSQADVHRQVAIVFRTPPY
ADPSLQAPVRVSMQLRRPSDRELSEPMEFQYLPDTDDRHRIEEKRKR
;
A,B
2 'polydeoxyribonucleotide' (DA)(DC)(DT)(DG)(DG)(DG)(DC)(DT)(DT)(DT)(DT)(DC)(DC)(DA)(DG)(DT)(DG)(DA) C
3 'polydeoxyribonucleotide' (DT)(DC)(DA)(DC)(DT)(DG)(DG)(DA)(DA)(DA)(DA)(DG)(DC)(DC)(DC)(DA)(DG)(DT) D
#
# COMPACT_ATOMS: atom_id res chain seq x y z
N PRO A 2 -24.60 -0.37 43.49
CA PRO A 2 -25.05 -0.32 42.10
C PRO A 2 -24.00 -0.85 41.13
N TYR A 3 -24.38 -1.00 39.86
CA TYR A 3 -23.46 -1.49 38.84
C TYR A 3 -23.87 -0.92 37.50
N VAL A 4 -22.93 -0.94 36.55
CA VAL A 4 -23.12 -0.34 35.24
C VAL A 4 -23.33 -1.45 34.22
N GLU A 5 -24.21 -1.19 33.25
CA GLU A 5 -24.56 -2.18 32.23
C GLU A 5 -24.64 -1.49 30.88
N ILE A 6 -23.86 -1.98 29.92
CA ILE A 6 -23.88 -1.47 28.55
C ILE A 6 -25.04 -2.13 27.82
N ILE A 7 -26.05 -1.33 27.45
CA ILE A 7 -27.22 -1.84 26.77
C ILE A 7 -27.22 -1.53 25.28
N GLU A 8 -26.18 -0.88 24.77
CA GLU A 8 -25.90 -0.93 23.34
C GLU A 8 -24.41 -0.74 23.15
N GLN A 9 -23.74 -1.84 22.78
CA GLN A 9 -22.31 -1.83 22.54
C GLN A 9 -21.97 -0.90 21.37
N PRO A 10 -20.71 -0.46 21.28
CA PRO A 10 -20.29 0.30 20.11
C PRO A 10 -20.21 -0.58 18.87
N LYS A 11 -20.19 0.07 17.71
CA LYS A 11 -19.99 -0.66 16.47
C LYS A 11 -18.53 -1.09 16.36
N GLN A 12 -18.30 -2.40 16.25
CA GLN A 12 -16.95 -2.94 16.25
C GLN A 12 -16.19 -2.54 15.00
N ARG A 13 -16.36 -3.31 13.93
CA ARG A 13 -15.63 -3.07 12.70
C ARG A 13 -16.24 -1.90 11.93
N GLY A 14 -15.44 -1.32 11.03
CA GLY A 14 -15.94 -0.38 10.05
C GLY A 14 -15.88 1.08 10.42
N MET A 15 -15.08 1.47 11.40
CA MET A 15 -14.89 2.87 11.75
C MET A 15 -13.41 3.17 11.87
N ARG A 16 -12.99 4.29 11.30
CA ARG A 16 -11.58 4.56 11.04
C ARG A 16 -11.02 5.52 12.09
N PHE A 17 -9.90 5.11 12.70
CA PHE A 17 -9.20 5.99 13.62
C PHE A 17 -8.50 7.10 12.83
N ARG A 18 -8.52 8.31 13.37
CA ARG A 18 -7.98 9.48 12.69
C ARG A 18 -6.75 9.98 13.42
N TYR A 19 -5.69 10.27 12.67
CA TYR A 19 -4.49 10.84 13.25
C TYR A 19 -4.71 12.32 13.57
N LYS A 20 -3.99 12.79 14.60
CA LYS A 20 -4.03 14.21 14.96
C LYS A 20 -3.61 15.11 13.80
N CYS A 21 -2.80 14.60 12.87
CA CYS A 21 -2.35 15.40 11.75
C CYS A 21 -3.45 15.64 10.71
N GLU A 22 -4.48 14.80 10.68
CA GLU A 22 -5.57 14.95 9.73
C GLU A 22 -6.56 16.03 10.14
N GLY A 23 -6.09 17.15 10.69
CA GLY A 23 -7.00 18.04 11.37
C GLY A 23 -7.63 17.30 12.54
N ARG A 24 -8.92 17.52 12.74
CA ARG A 24 -9.63 16.68 13.70
C ARG A 24 -10.33 15.55 12.96
N SER A 25 -11.46 15.84 12.30
CA SER A 25 -12.15 14.87 11.46
C SER A 25 -12.41 13.56 12.19
N ALA A 26 -12.58 13.66 13.51
CA ALA A 26 -12.49 12.49 14.40
C ALA A 26 -13.67 11.54 14.24
N GLY A 27 -14.88 12.07 14.11
CA GLY A 27 -16.05 11.23 13.90
C GLY A 27 -16.82 10.96 15.17
N SER A 28 -17.75 10.01 15.06
CA SER A 28 -18.63 9.64 16.17
C SER A 28 -18.90 8.15 16.10
N ILE A 29 -18.55 7.43 17.17
CA ILE A 29 -18.79 6.00 17.22
C ILE A 29 -20.29 5.73 17.27
N PRO A 30 -20.84 4.93 16.36
CA PRO A 30 -22.27 4.62 16.38
C PRO A 30 -22.56 3.38 17.23
N GLY A 31 -23.85 3.21 17.52
CA GLY A 31 -24.28 2.02 18.24
C GLY A 31 -24.19 0.78 17.38
N GLU A 32 -24.06 -0.37 18.07
CA GLU A 32 -23.86 -1.65 17.41
C GLU A 32 -25.02 -2.05 16.51
N ARG A 33 -26.24 -1.60 16.80
CA ARG A 33 -27.39 -1.84 15.93
C ARG A 33 -27.95 -0.52 15.37
N SER A 34 -27.08 0.47 15.20
CA SER A 34 -27.49 1.71 14.53
C SER A 34 -27.72 1.44 13.05
N THR A 35 -28.70 2.16 12.49
CA THR A 35 -29.04 2.02 11.09
C THR A 35 -29.22 3.42 10.48
N ASP A 36 -29.32 3.45 9.16
CA ASP A 36 -29.59 4.72 8.49
C ASP A 36 -31.03 5.18 8.69
N THR A 37 -31.94 4.27 9.03
CA THR A 37 -33.31 4.67 9.35
C THR A 37 -33.42 5.21 10.77
N THR A 38 -32.58 4.72 11.69
CA THR A 38 -32.59 5.20 13.07
C THR A 38 -31.17 5.12 13.61
N LYS A 39 -30.60 6.27 13.94
CA LYS A 39 -29.24 6.33 14.46
C LYS A 39 -29.23 6.01 15.95
N THR A 40 -28.35 5.10 16.35
CA THR A 40 -28.16 4.75 17.75
C THR A 40 -26.70 4.99 18.13
N HIS A 41 -26.45 5.01 19.44
CA HIS A 41 -25.17 5.40 19.99
C HIS A 41 -24.82 4.51 21.17
N PRO A 42 -23.55 4.45 21.56
CA PRO A 42 -23.18 3.68 22.76
C PRO A 42 -23.97 4.14 23.97
N THR A 43 -24.59 3.18 24.66
CA THR A 43 -25.52 3.48 25.73
C THR A 43 -25.29 2.53 26.89
N ILE A 44 -25.30 3.09 28.11
CA ILE A 44 -25.14 2.31 29.33
C ILE A 44 -26.40 2.44 30.17
N LYS A 45 -26.56 1.49 31.10
CA LYS A 45 -27.64 1.51 32.07
C LYS A 45 -27.06 1.35 33.47
N ILE A 46 -27.43 2.25 34.36
CA ILE A 46 -27.01 2.20 35.76
C ILE A 46 -28.13 1.58 36.56
N ASN A 47 -27.87 0.42 37.15
CA ASN A 47 -28.86 -0.27 37.97
C ASN A 47 -28.57 -0.03 39.45
N GLY A 48 -29.62 0.15 40.22
CA GLY A 48 -29.47 0.41 41.64
C GLY A 48 -29.23 1.86 42.01
N TYR A 49 -29.30 2.78 41.05
CA TYR A 49 -29.11 4.20 41.34
C TYR A 49 -29.84 5.04 40.30
N THR A 50 -30.41 6.16 40.77
CA THR A 50 -31.07 7.13 39.90
C THR A 50 -30.97 8.48 40.60
N GLY A 51 -30.05 9.32 40.15
CA GLY A 51 -29.80 10.60 40.76
C GLY A 51 -28.59 11.29 40.17
N PRO A 52 -28.04 12.27 40.90
CA PRO A 52 -26.87 12.99 40.39
C PRO A 52 -25.66 12.08 40.28
N GLY A 53 -24.75 12.43 39.38
CA GLY A 53 -23.55 11.66 39.18
C GLY A 53 -22.80 12.11 37.95
N THR A 54 -21.64 11.49 37.76
CA THR A 54 -20.76 11.77 36.63
C THR A 54 -20.31 10.47 35.98
N VAL A 55 -19.82 10.57 34.76
CA VAL A 55 -19.34 9.41 34.00
C VAL A 55 -18.04 9.80 33.30
N ARG A 56 -17.07 8.89 33.31
CA ARG A 56 -15.85 9.01 32.53
C ARG A 56 -15.72 7.82 31.60
N ILE A 57 -15.43 8.09 30.33
CA ILE A 57 -15.18 7.06 29.34
C ILE A 57 -13.74 7.21 28.86
N SER A 58 -12.97 6.12 28.94
CA SER A 58 -11.59 6.10 28.51
C SER A 58 -11.32 4.88 27.64
N LEU A 59 -10.14 4.84 27.06
CA LEU A 59 -9.72 3.75 26.19
C LEU A 59 -8.76 2.83 26.94
N VAL A 60 -9.03 1.52 26.88
CA VAL A 60 -8.17 0.52 27.48
C VAL A 60 -7.82 -0.52 26.42
N THR A 61 -6.77 -1.28 26.69
CA THR A 61 -6.31 -2.29 25.75
C THR A 61 -7.35 -3.40 25.60
N LYS A 62 -7.30 -4.07 24.44
CA LYS A 62 -8.25 -5.14 24.18
C LYS A 62 -8.00 -6.35 25.05
N ASP A 63 -6.72 -6.67 25.33
CA ASP A 63 -6.34 -7.87 26.05
C ASP A 63 -5.99 -7.56 27.51
N PRO A 64 -6.16 -8.52 28.40
CA PRO A 64 -5.64 -8.38 29.76
C PRO A 64 -4.12 -8.39 29.76
N PRO A 65 -3.48 -7.52 30.56
CA PRO A 65 -4.06 -6.53 31.48
C PRO A 65 -4.63 -5.33 30.74
N HIS A 66 -5.77 -4.81 31.17
CA HIS A 66 -6.46 -3.73 30.46
C HIS A 66 -5.82 -2.39 30.85
N ARG A 67 -4.61 -2.19 30.33
CA ARG A 67 -3.89 -0.95 30.52
C ARG A 67 -4.58 0.18 29.77
N PRO A 68 -4.35 1.43 30.16
CA PRO A 68 -4.90 2.53 29.37
C PRO A 68 -4.28 2.57 27.98
N HIS A 69 -5.10 2.93 27.00
CA HIS A 69 -4.60 2.86 25.63
C HIS A 69 -3.92 4.17 25.25
N PRO A 70 -2.88 4.10 24.41
CA PRO A 70 -2.22 5.34 23.96
C PRO A 70 -3.11 6.22 23.10
N HIS A 71 -4.15 5.69 22.46
CA HIS A 71 -5.05 6.52 21.68
C HIS A 71 -5.87 7.44 22.58
N GLU A 72 -6.54 8.40 21.96
CA GLU A 72 -7.33 9.39 22.68
C GLU A 72 -8.79 9.35 22.22
N LEU A 73 -9.70 9.51 23.17
CA LEU A 73 -11.07 9.86 22.87
C LEU A 73 -11.17 11.36 22.66
N VAL A 74 -11.72 11.78 21.53
CA VAL A 74 -11.81 13.18 21.18
C VAL A 74 -13.26 13.50 20.81
N GLY A 75 -13.63 14.76 20.99
CA GLY A 75 -14.96 15.26 20.73
C GLY A 75 -15.41 16.16 21.87
N LYS A 76 -16.72 16.35 21.96
CA LYS A 76 -17.29 17.20 22.98
C LYS A 76 -17.09 16.59 24.37
N ASP A 77 -16.74 17.44 25.34
CA ASP A 77 -16.48 17.05 26.73
C ASP A 77 -15.32 16.08 26.87
N CYS A 78 -14.48 15.98 25.85
CA CYS A 78 -13.28 15.14 25.90
C CYS A 78 -12.07 16.01 26.19
N ARG A 79 -11.17 15.48 27.02
CA ARG A 79 -9.93 16.17 27.35
C ARG A 79 -8.93 15.14 27.88
N ASP A 80 -7.66 15.35 27.52
CA ASP A 80 -6.56 14.46 27.93
C ASP A 80 -6.82 13.01 27.51
N GLY A 81 -7.60 12.82 26.45
CA GLY A 81 -7.83 11.50 25.90
C GLY A 81 -9.02 10.74 26.46
N TYR A 82 -9.81 11.35 27.34
CA TYR A 82 -10.99 10.71 27.89
C TYR A 82 -12.17 11.67 27.91
N TYR A 83 -13.36 11.11 27.98
CA TYR A 83 -14.61 11.86 28.05
C TYR A 83 -15.08 11.93 29.51
N GLU A 84 -15.62 13.08 29.89
CA GLU A 84 -16.14 13.23 31.25
C GLU A 84 -17.20 14.32 31.25
N ALA A 85 -18.34 14.01 31.85
CA ALA A 85 -19.46 14.95 31.96
C ALA A 85 -20.48 14.32 32.92
N ASP A 86 -21.52 15.09 33.23
CA ASP A 86 -22.57 14.63 34.11
C ASP A 86 -23.48 13.62 33.41
N LEU A 87 -24.08 12.75 34.21
CA LEU A 87 -25.18 11.89 33.77
C LEU A 87 -26.50 12.63 33.95
N CYS A 88 -27.56 12.04 33.43
CA CYS A 88 -28.89 12.62 33.62
C CYS A 88 -29.39 12.29 35.01
N PRO A 89 -29.68 13.28 35.86
CA PRO A 89 -30.12 13.01 37.23
C PRO A 89 -31.57 12.54 37.35
N ASP A 90 -32.19 12.12 36.24
CA ASP A 90 -33.58 11.70 36.25
C ASP A 90 -33.80 10.31 35.67
N ARG A 91 -32.79 9.70 35.04
CA ARG A 91 -32.96 8.41 34.41
C ARG A 91 -31.71 7.56 34.62
N SER A 92 -31.85 6.26 34.31
CA SER A 92 -30.78 5.29 34.50
C SER A 92 -30.19 4.81 33.17
N ILE A 93 -30.56 5.44 32.06
CA ILE A 93 -30.07 5.07 30.74
C ILE A 93 -29.39 6.28 30.13
N HIS A 94 -28.16 6.11 29.66
CA HIS A 94 -27.34 7.23 29.23
C HIS A 94 -26.64 6.89 27.92
N SER A 95 -26.78 7.77 26.93
CA SER A 95 -26.17 7.60 25.62
C SER A 95 -25.07 8.62 25.40
N PHE A 96 -24.13 8.27 24.54
CA PHE A 96 -22.97 9.11 24.23
C PHE A 96 -22.81 9.16 22.73
N GLN A 97 -22.89 10.37 22.15
CA GLN A 97 -23.12 10.54 20.73
C GLN A 97 -21.96 11.17 19.96
N ASN A 98 -20.91 11.64 20.62
CA ASN A 98 -19.80 12.28 19.93
C ASN A 98 -18.46 11.75 20.41
N LEU A 99 -18.36 10.42 20.46
CA LEU A 99 -17.12 9.75 20.83
C LEU A 99 -16.32 9.43 19.57
N GLY A 100 -15.13 9.98 19.47
CA GLY A 100 -14.24 9.71 18.35
C GLY A 100 -12.90 9.24 18.84
N ILE A 101 -12.25 8.39 18.04
CA ILE A 101 -10.99 7.77 18.41
C ILE A 101 -9.89 8.40 17.57
N GLN A 102 -9.00 9.13 18.23
CA GLN A 102 -7.84 9.73 17.59
C GLN A 102 -6.62 8.86 17.91
N CYS A 103 -5.97 8.34 16.88
CA CYS A 103 -4.88 7.40 17.05
C CYS A 103 -3.54 8.11 17.08
N VAL A 104 -2.69 7.70 18.04
CA VAL A 104 -1.33 8.17 18.16
C VAL A 104 -0.43 7.31 17.30
N LYS A 105 0.65 7.90 16.78
CA LYS A 105 1.59 7.15 15.98
C LYS A 105 2.63 6.46 16.88
N LYS A 106 3.38 5.52 16.30
CA LYS A 106 4.27 4.67 17.08
C LYS A 106 5.37 5.48 17.76
N ARG A 107 5.96 6.44 17.05
CA ARG A 107 7.05 7.23 17.63
C ARG A 107 6.59 8.12 18.76
N ASP A 108 5.30 8.44 18.84
CA ASP A 108 4.74 9.22 19.94
C ASP A 108 4.12 8.34 21.02
N LEU A 109 4.51 7.07 21.09
CA LEU A 109 3.89 6.13 22.03
C LEU A 109 4.20 6.49 23.47
N GLU A 110 5.50 6.60 23.80
CA GLU A 110 5.90 6.85 25.18
C GLU A 110 5.28 8.14 25.72
N GLN A 111 5.24 9.18 24.89
CA GLN A 111 4.64 10.44 25.32
C GLN A 111 3.16 10.26 25.67
N ALA A 112 2.48 9.35 24.97
CA ALA A 112 1.05 9.12 25.21
C ALA A 112 0.83 8.37 26.53
N ILE A 113 1.59 7.28 26.74
CA ILE A 113 1.43 6.50 27.96
C ILE A 113 1.75 7.36 29.19
N SER A 114 2.78 8.20 29.08
CA SER A 114 3.12 9.10 30.18
C SER A 114 1.97 10.05 30.52
N GLN A 115 1.21 10.49 29.51
CA GLN A 115 0.06 11.37 29.79
C GLN A 115 -1.05 10.61 30.49
N ARG A 116 -1.28 9.35 30.09
CA ARG A 116 -2.27 8.52 30.76
C ARG A 116 -1.96 8.39 32.25
N ILE A 117 -0.69 8.13 32.58
CA ILE A 117 -0.28 8.05 33.98
C ILE A 117 -0.37 9.43 34.64
N GLN A 118 0.14 10.46 33.95
CA GLN A 118 0.18 11.80 34.53
C GLN A 118 -1.21 12.34 34.81
N THR A 119 -2.21 11.93 34.04
CA THR A 119 -3.59 12.36 34.22
C THR A 119 -4.40 11.38 35.06
N ASN A 120 -3.75 10.40 35.68
CA ASN A 120 -4.43 9.37 36.49
C ASN A 120 -5.53 8.67 35.69
N ASN A 121 -5.25 8.43 34.42
CA ASN A 121 -6.19 7.73 33.53
C ASN A 121 -5.76 6.28 33.42
N ASN A 122 -6.12 5.52 34.45
CA ASN A 122 -5.84 4.08 34.51
C ASN A 122 -6.90 3.43 35.38
N PRO A 123 -8.08 3.16 34.82
CA PRO A 123 -9.22 2.73 35.66
C PRO A 123 -9.02 1.41 36.37
N PHE A 124 -8.13 0.55 35.90
CA PHE A 124 -7.83 -0.71 36.56
C PHE A 124 -6.54 -0.67 37.35
N HIS A 125 -5.94 0.51 37.52
CA HIS A 125 -4.74 0.73 38.33
C HIS A 125 -3.70 -0.36 38.09
N VAL A 126 -3.38 -0.58 36.81
CA VAL A 126 -2.31 -1.51 36.48
C VAL A 126 -0.97 -0.88 36.83
N PRO A 127 -0.08 -1.60 37.52
CA PRO A 127 1.23 -1.02 37.85
C PRO A 127 2.02 -0.68 36.60
N ILE A 128 2.91 0.30 36.73
CA ILE A 128 3.71 0.76 35.60
C ILE A 128 4.62 -0.34 35.08
N GLU A 129 4.86 -1.39 35.87
CA GLU A 129 5.62 -2.53 35.38
C GLU A 129 4.91 -3.20 34.21
N GLU A 130 3.64 -3.57 34.40
CA GLU A 130 2.88 -4.25 33.36
C GLU A 130 2.36 -3.29 32.29
N GLN A 131 3.03 -2.15 32.09
CA GLN A 131 2.53 -1.13 31.18
C GLN A 131 3.43 -0.87 29.97
N ARG A 132 4.52 -1.60 29.79
CA ARG A 132 5.29 -1.54 28.56
C ARG A 132 5.25 -2.93 27.94
N GLY A 133 4.15 -3.23 27.26
CA GLY A 133 4.08 -4.30 26.31
C GLY A 133 3.98 -3.73 24.90
N ASP A 134 3.83 -4.63 23.95
CA ASP A 134 3.43 -4.22 22.61
C ASP A 134 1.95 -3.87 22.63
N TYR A 135 1.62 -2.68 22.12
CA TYR A 135 0.24 -2.23 22.05
C TYR A 135 -0.33 -2.53 20.67
N ASP A 136 -1.57 -3.01 20.64
CA ASP A 136 -2.32 -3.13 19.39
C ASP A 136 -2.94 -1.77 19.10
N LEU A 137 -2.35 -1.03 18.16
CA LEU A 137 -2.83 0.30 17.82
C LEU A 137 -4.07 0.28 16.94
N ASN A 138 -4.59 -0.89 16.61
CA ASN A 138 -5.78 -1.03 15.77
C ASN A 138 -6.98 -1.55 16.55
N ALA A 139 -6.87 -1.70 17.86
CA ALA A 139 -7.95 -2.25 18.67
C ALA A 139 -8.00 -1.55 20.01
N VAL A 140 -9.21 -1.12 20.41
CA VAL A 140 -9.43 -0.49 21.70
C VAL A 140 -10.73 -1.02 22.29
N ARG A 141 -10.87 -0.83 23.60
CA ARG A 141 -12.12 -1.06 24.32
C ARG A 141 -12.49 0.23 25.04
N LEU A 142 -13.79 0.52 25.09
CA LEU A 142 -14.28 1.64 25.89
C LEU A 142 -14.40 1.21 27.35
N CYS A 143 -14.05 2.10 28.25
CA CYS A 143 -14.13 1.83 29.69
C CYS A 143 -15.00 2.90 30.35
N PHE A 144 -16.15 2.48 30.86
CA PHE A 144 -17.08 3.39 31.52
C PHE A 144 -16.80 3.41 33.01
N GLN A 145 -16.53 4.60 33.55
CA GLN A 145 -16.26 4.78 34.97
C GLN A 145 -17.32 5.75 35.51
N VAL A 146 -18.33 5.21 36.18
CA VAL A 146 -19.47 5.97 36.67
C VAL A 146 -19.28 6.28 38.15
N THR A 147 -19.41 7.54 38.52
CA THR A 147 -19.35 7.98 39.90
C THR A 147 -20.75 8.34 40.37
N VAL A 148 -21.10 7.88 41.58
CA VAL A 148 -22.47 7.89 42.07
C VAL A 148 -22.48 8.39 43.51
N ARG A 149 -23.59 8.98 43.93
CA ARG A 149 -23.75 9.41 45.32
C ARG A 149 -24.37 8.29 46.14
N ASP A 150 -23.89 8.15 47.38
CA ASP A 150 -24.49 7.25 48.33
C ASP A 150 -25.60 7.97 49.09
N PRO A 151 -26.44 7.25 49.85
CA PRO A 151 -27.48 7.94 50.63
C PRO A 151 -26.95 9.00 51.57
N ALA A 152 -25.66 8.93 51.95
CA ALA A 152 -25.05 10.03 52.69
C ALA A 152 -24.88 11.24 51.79
N GLY A 153 -24.24 11.06 50.64
CA GLY A 153 -24.01 12.14 49.71
C GLY A 153 -22.59 12.14 49.16
N ARG A 154 -21.87 11.04 49.35
CA ARG A 154 -20.47 10.92 48.98
C ARG A 154 -20.31 10.28 47.62
N PRO A 155 -19.30 10.72 46.86
CA PRO A 155 -18.98 10.06 45.60
C PRO A 155 -18.70 8.57 45.81
N LEU A 156 -19.39 7.74 45.04
CA LEU A 156 -19.23 6.29 45.06
C LEU A 156 -18.88 5.85 43.65
N LEU A 157 -17.63 5.42 43.45
CA LEU A 157 -17.16 5.00 42.14
C LEU A 157 -17.53 3.55 41.93
N LEU A 158 -18.46 3.30 41.00
CA LEU A 158 -18.82 1.94 40.65
C LEU A 158 -17.69 1.29 39.83
N THR A 159 -17.70 -0.04 39.79
CA THR A 159 -16.64 -0.73 39.08
C THR A 159 -16.70 -0.43 37.58
N PRO A 160 -15.53 -0.30 36.90
CA PRO A 160 -15.50 0.02 35.48
C PRO A 160 -15.92 -1.16 34.62
N VAL A 161 -16.78 -0.92 33.62
CA VAL A 161 -17.27 -1.93 32.70
C VAL A 161 -16.63 -1.69 31.33
N LEU A 162 -16.27 -2.78 30.64
CA LEU A 162 -15.58 -2.69 29.37
C LEU A 162 -16.50 -3.05 28.22
N SER A 163 -16.39 -2.31 27.13
CA SER A 163 -17.13 -2.62 25.92
C SER A 163 -16.41 -3.71 25.13
N HIS A 164 -17.07 -4.17 24.07
CA HIS A 164 -16.42 -5.06 23.13
C HIS A 164 -15.34 -4.29 22.37
N PRO A 165 -14.40 -5.00 21.74
CA PRO A 165 -13.33 -4.31 21.01
C PRO A 165 -13.88 -3.50 19.84
N ILE A 166 -13.30 -2.32 19.66
CA ILE A 166 -13.54 -1.47 18.49
C ILE A 166 -12.31 -1.53 17.61
N PHE A 167 -12.50 -1.85 16.34
CA PHE A 167 -11.41 -2.09 15.42
C PHE A 167 -11.28 -0.98 14.39
N ASP A 168 -10.05 -0.68 14.00
CA ASP A 168 -9.79 0.13 12.83
C ASP A 168 -10.04 -0.70 11.59
N ASN A 169 -10.77 -0.16 10.63
CA ASN A 169 -11.02 -0.90 9.39
C ASN A 169 -9.81 -0.88 8.46
N ARG A 170 -8.74 -0.17 8.81
CA ARG A 170 -7.51 -0.20 8.02
C ARG A 170 -6.64 -1.41 8.34
N ALA A 171 -6.91 -2.10 9.43
CA ALA A 171 -6.25 -3.38 9.70
C ALA A 171 -6.95 -4.46 8.88
N PRO A 172 -6.24 -5.17 8.02
CA PRO A 172 -6.92 -6.13 7.14
C PRO A 172 -7.29 -7.41 7.85
N ASN A 173 -6.52 -7.78 8.87
CA ASN A 173 -6.84 -8.95 9.69
C ASN A 173 -8.16 -8.80 10.44
N THR A 174 -8.76 -7.61 10.44
CA THR A 174 -9.96 -7.34 11.22
C THR A 174 -11.06 -6.64 10.44
N ALA A 175 -10.79 -6.19 9.22
CA ALA A 175 -11.76 -5.41 8.46
C ALA A 175 -12.89 -6.30 7.93
N GLU A 176 -13.86 -5.66 7.29
CA GLU A 176 -14.97 -6.38 6.69
C GLU A 176 -14.54 -6.95 5.34
N LEU A 177 -14.93 -8.20 5.10
CA LEU A 177 -14.64 -8.84 3.82
C LEU A 177 -15.70 -8.46 2.80
N LYS A 178 -15.27 -8.23 1.56
CA LYS A 178 -16.19 -7.77 0.54
C LYS A 178 -15.70 -8.19 -0.83
N ILE A 179 -16.59 -8.78 -1.62
CA ILE A 179 -16.35 -9.10 -3.02
C ILE A 179 -16.80 -7.91 -3.86
N CYS A 180 -15.93 -7.43 -4.74
CA CYS A 180 -16.24 -6.30 -5.61
C CYS A 180 -16.58 -6.71 -7.03
N ARG A 181 -15.81 -7.64 -7.61
CA ARG A 181 -16.03 -8.02 -9.00
C ARG A 181 -15.54 -9.45 -9.21
N VAL A 182 -16.33 -10.22 -9.97
CA VAL A 182 -16.00 -11.60 -10.29
C VAL A 182 -16.25 -11.82 -11.79
N ASN A 183 -15.36 -12.56 -12.43
CA ASN A 183 -15.45 -12.78 -13.87
C ASN A 183 -16.32 -13.97 -14.25
N ARG A 184 -16.84 -14.72 -13.27
CA ARG A 184 -17.58 -15.93 -13.59
C ARG A 184 -18.47 -16.29 -12.41
N ASN A 185 -19.76 -16.50 -12.68
CA ASN A 185 -20.71 -16.90 -11.65
C ASN A 185 -21.35 -18.25 -11.97
N SER A 186 -20.73 -19.06 -12.81
CA SER A 186 -21.21 -20.41 -13.09
C SER A 186 -20.04 -21.25 -13.58
N GLY A 187 -20.17 -22.56 -13.42
CA GLY A 187 -19.11 -23.46 -13.81
C GLY A 187 -19.55 -24.90 -13.69
N SER A 188 -18.71 -25.78 -14.22
CA SER A 188 -19.01 -27.21 -14.23
C SER A 188 -19.12 -27.74 -12.81
N CYS A 189 -19.98 -28.76 -12.65
CA CYS A 189 -20.12 -29.41 -11.36
C CYS A 189 -18.88 -30.24 -11.00
N LEU A 190 -18.01 -30.51 -11.98
CA LEU A 190 -16.75 -31.21 -11.75
C LEU A 190 -15.68 -30.31 -11.15
N GLY A 191 -15.96 -29.03 -10.95
CA GLY A 191 -14.98 -28.10 -10.44
C GLY A 191 -13.88 -27.83 -11.46
N GLY A 192 -12.92 -27.01 -11.03
CA GLY A 192 -11.72 -26.76 -11.82
C GLY A 192 -11.78 -25.54 -12.71
N ASP A 193 -12.86 -24.77 -12.68
CA ASP A 193 -12.95 -23.55 -13.47
C ASP A 193 -12.16 -22.45 -12.78
N GLU A 194 -11.30 -21.78 -13.55
CA GLU A 194 -10.52 -20.67 -13.01
C GLU A 194 -11.37 -19.40 -12.95
N ILE A 195 -11.28 -18.68 -11.83
CA ILE A 195 -12.10 -17.52 -11.58
C ILE A 195 -11.23 -16.40 -11.02
N PHE A 196 -11.40 -15.19 -11.55
CA PHE A 196 -10.74 -14.00 -11.05
C PHE A 196 -11.72 -13.24 -10.16
N LEU A 197 -11.29 -12.95 -8.93
CA LEU A 197 -12.13 -12.28 -7.95
C LEU A 197 -11.40 -11.04 -7.46
N LEU A 198 -12.06 -9.89 -7.57
CA LEU A 198 -11.54 -8.61 -7.08
C LEU A 198 -12.25 -8.28 -5.77
N CYS A 199 -11.47 -8.00 -4.73
CA CYS A 199 -12.02 -7.84 -3.39
C CYS A 199 -11.33 -6.70 -2.67
N ASP A 200 -11.92 -6.27 -1.56
CA ASP A 200 -11.23 -5.37 -0.67
C ASP A 200 -10.00 -6.05 -0.07
N LYS A 201 -9.15 -5.25 0.55
CA LYS A 201 -7.85 -5.71 1.03
C LYS A 201 -7.98 -6.89 1.99
N VAL A 202 -7.34 -8.01 1.64
CA VAL A 202 -7.31 -9.20 2.49
C VAL A 202 -5.85 -9.52 2.82
N GLN A 203 -5.65 -10.54 3.65
CA GLN A 203 -4.33 -11.08 3.93
C GLN A 203 -4.21 -12.44 3.26
N LYS A 204 -3.24 -12.58 2.34
CA LYS A 204 -3.15 -13.78 1.51
C LYS A 204 -2.94 -15.04 2.35
N GLU A 205 -2.50 -14.92 3.58
CA GLU A 205 -2.32 -16.06 4.46
C GLU A 205 -3.50 -16.31 5.38
N ASP A 206 -4.57 -15.52 5.26
CA ASP A 206 -5.73 -15.64 6.12
C ASP A 206 -6.98 -15.30 5.33
N ILE A 207 -7.21 -16.02 4.23
CA ILE A 207 -8.35 -15.76 3.36
C ILE A 207 -8.76 -17.06 2.68
N GLU A 208 -10.05 -17.21 2.44
CA GLU A 208 -10.62 -18.37 1.78
C GLU A 208 -11.80 -17.95 0.91
N VAL A 209 -12.06 -18.73 -0.12
CA VAL A 209 -13.26 -18.60 -0.94
C VAL A 209 -14.17 -19.78 -0.62
N TYR A 210 -15.35 -19.48 -0.08
CA TYR A 210 -16.16 -20.45 0.65
C TYR A 210 -17.48 -20.66 -0.09
N PHE A 211 -17.69 -21.88 -0.57
CA PHE A 211 -18.90 -22.27 -1.28
C PHE A 211 -19.80 -23.05 -0.34
N THR A 212 -21.07 -22.65 -0.25
CA THR A 212 -22.00 -23.24 0.71
C THR A 212 -23.27 -23.71 0.03
N GLY A 213 -23.95 -24.63 0.70
CA GLY A 213 -25.22 -25.15 0.27
C GLY A 213 -25.84 -26.03 1.35
N PRO A 214 -26.85 -26.82 0.99
CA PRO A 214 -27.52 -27.65 1.99
C PRO A 214 -26.58 -28.70 2.58
N GLY A 215 -26.07 -28.43 3.77
CA GLY A 215 -25.10 -29.32 4.39
C GLY A 215 -23.85 -29.52 3.58
N TRP A 216 -23.50 -28.57 2.72
CA TRP A 216 -22.37 -28.70 1.80
C TRP A 216 -21.45 -27.51 1.95
N GLU A 217 -20.16 -27.78 2.10
CA GLU A 217 -19.15 -26.74 2.12
C GLU A 217 -17.93 -27.21 1.33
N ALA A 218 -17.40 -26.31 0.51
CA ALA A 218 -16.19 -26.57 -0.25
C ALA A 218 -15.47 -25.25 -0.45
N ARG A 219 -14.16 -25.33 -0.67
CA ARG A 219 -13.32 -24.15 -0.78
C ARG A 219 -12.68 -24.08 -2.16
N GLY A 220 -12.54 -22.85 -2.66
CA GLY A 220 -11.75 -22.65 -3.85
C GLY A 220 -10.29 -22.99 -3.63
N SER A 221 -9.63 -23.41 -4.70
CA SER A 221 -8.25 -23.84 -4.66
C SER A 221 -7.35 -22.73 -5.17
N PHE A 222 -6.46 -22.25 -4.30
CA PHE A 222 -5.46 -21.25 -4.69
C PHE A 222 -4.37 -21.23 -3.64
N SER A 223 -3.21 -20.72 -4.04
CA SER A 223 -2.05 -20.55 -3.16
C SER A 223 -1.90 -19.08 -2.81
N GLN A 224 -0.96 -18.78 -1.91
CA GLN A 224 -0.72 -17.40 -1.52
C GLN A 224 -0.23 -16.56 -2.70
N ALA A 225 0.51 -17.16 -3.63
CA ALA A 225 0.98 -16.41 -4.79
C ALA A 225 -0.16 -16.00 -5.71
N ASP A 226 -1.32 -16.64 -5.60
CA ASP A 226 -2.47 -16.29 -6.43
C ASP A 226 -3.22 -15.07 -5.92
N VAL A 227 -2.87 -14.55 -4.76
CA VAL A 227 -3.49 -13.33 -4.23
C VAL A 227 -2.64 -12.15 -4.66
N HIS A 228 -3.22 -11.27 -5.47
CA HIS A 228 -2.50 -10.19 -6.13
C HIS A 228 -2.70 -8.88 -5.36
N ARG A 229 -1.66 -8.47 -4.63
CA ARG A 229 -1.66 -7.18 -3.93
C ARG A 229 -2.86 -7.06 -2.99
N GLN A 230 -3.22 -8.19 -2.36
CA GLN A 230 -4.23 -8.22 -1.30
C GLN A 230 -5.64 -7.92 -1.79
N VAL A 231 -5.83 -7.66 -3.09
CA VAL A 231 -7.13 -7.19 -3.56
C VAL A 231 -7.62 -7.98 -4.76
N ALA A 232 -6.98 -9.12 -5.04
CA ALA A 232 -7.41 -9.94 -6.16
C ALA A 232 -7.00 -11.39 -5.90
N ILE A 233 -7.93 -12.32 -6.13
CA ILE A 233 -7.68 -13.74 -5.93
C ILE A 233 -8.01 -14.48 -7.22
N VAL A 234 -7.08 -15.32 -7.66
CA VAL A 234 -7.29 -16.21 -8.80
C VAL A 234 -7.33 -17.62 -8.25
N PHE A 235 -8.50 -18.26 -8.30
CA PHE A 235 -8.68 -19.58 -7.74
C PHE A 235 -9.44 -20.45 -8.72
N ARG A 236 -9.44 -21.76 -8.45
CA ARG A 236 -10.19 -22.72 -9.23
C ARG A 236 -11.32 -23.29 -8.38
N THR A 237 -12.46 -23.52 -9.03
CA THR A 237 -13.66 -23.90 -8.31
C THR A 237 -13.52 -25.32 -7.73
N PRO A 238 -14.07 -25.56 -6.55
CA PRO A 238 -14.18 -26.92 -6.06
C PRO A 238 -15.30 -27.64 -6.79
N PRO A 239 -15.28 -28.97 -6.80
CA PRO A 239 -16.38 -29.70 -7.42
C PRO A 239 -17.61 -29.70 -6.51
N TYR A 240 -18.78 -29.84 -7.13
CA TYR A 240 -20.00 -29.86 -6.36
C TYR A 240 -20.21 -31.25 -5.75
N ALA A 241 -21.13 -31.32 -4.79
CA ALA A 241 -21.40 -32.59 -4.12
C ALA A 241 -21.93 -33.63 -5.10
N ASP A 242 -22.53 -33.20 -6.20
CA ASP A 242 -23.11 -34.11 -7.19
C ASP A 242 -22.36 -33.97 -8.51
N PRO A 243 -21.54 -34.94 -8.90
CA PRO A 243 -20.81 -34.85 -10.17
C PRO A 243 -21.66 -35.15 -11.40
N SER A 244 -22.94 -35.47 -11.24
CA SER A 244 -23.83 -35.83 -12.33
C SER A 244 -25.12 -35.01 -12.27
N LEU A 245 -24.99 -33.69 -12.20
CA LEU A 245 -26.15 -32.82 -12.19
C LEU A 245 -26.94 -32.95 -13.50
N GLN A 246 -28.27 -32.94 -13.37
CA GLN A 246 -29.14 -32.85 -14.54
C GLN A 246 -29.55 -31.43 -14.85
N ALA A 247 -29.52 -30.54 -13.87
CA ALA A 247 -29.88 -29.15 -14.04
C ALA A 247 -28.98 -28.28 -13.17
N PRO A 248 -28.75 -27.04 -13.59
CA PRO A 248 -27.95 -26.12 -12.76
C PRO A 248 -28.48 -26.02 -11.34
N VAL A 249 -27.56 -25.82 -10.39
CA VAL A 249 -27.92 -25.72 -8.98
C VAL A 249 -27.28 -24.45 -8.41
N ARG A 250 -28.04 -23.73 -7.59
CA ARG A 250 -27.58 -22.48 -7.01
C ARG A 250 -26.89 -22.72 -5.67
N VAL A 251 -25.65 -22.24 -5.55
CA VAL A 251 -24.96 -22.22 -4.27
C VAL A 251 -24.58 -20.77 -3.96
N SER A 252 -24.01 -20.54 -2.79
CA SER A 252 -23.56 -19.22 -2.38
C SER A 252 -22.05 -19.19 -2.27
N MET A 253 -21.44 -18.13 -2.79
CA MET A 253 -19.99 -17.96 -2.78
C MET A 253 -19.65 -16.70 -2.02
N GLN A 254 -18.65 -16.79 -1.15
CA GLN A 254 -18.29 -15.67 -0.29
C GLN A 254 -16.86 -15.83 0.18
N LEU A 255 -16.27 -14.70 0.59
CA LEU A 255 -14.97 -14.72 1.23
C LEU A 255 -15.12 -15.14 2.68
N ARG A 256 -14.04 -15.67 3.24
CA ARG A 256 -14.05 -16.10 4.63
C ARG A 256 -12.64 -15.98 5.21
N ARG A 257 -12.57 -15.50 6.45
CA ARG A 257 -11.30 -15.36 7.14
C ARG A 257 -11.16 -16.51 8.13
N PRO A 258 -10.24 -17.44 7.92
CA PRO A 258 -10.22 -18.64 8.76
C PRO A 258 -9.89 -18.38 10.23
N SER A 259 -9.08 -17.37 10.52
CA SER A 259 -8.59 -17.19 11.90
C SER A 259 -9.71 -16.74 12.84
N ASP A 260 -10.74 -16.07 12.31
CA ASP A 260 -11.82 -15.56 13.15
C ASP A 260 -13.21 -15.91 12.63
N ARG A 261 -13.32 -16.82 11.65
CA ARG A 261 -14.59 -17.33 11.15
C ARG A 261 -15.48 -16.25 10.55
N GLU A 262 -14.93 -15.07 10.29
CA GLU A 262 -15.69 -13.98 9.69
C GLU A 262 -15.92 -14.22 8.21
N LEU A 263 -17.13 -13.91 7.74
CA LEU A 263 -17.52 -14.15 6.36
C LEU A 263 -18.03 -12.87 5.71
N SER A 264 -17.81 -12.76 4.40
CA SER A 264 -18.33 -11.65 3.62
C SER A 264 -19.79 -11.92 3.25
N GLU A 265 -20.39 -10.97 2.54
CA GLU A 265 -21.73 -11.18 2.03
C GLU A 265 -21.70 -12.27 0.96
N PRO A 266 -22.71 -13.15 0.93
CA PRO A 266 -22.70 -14.24 -0.04
C PRO A 266 -23.00 -13.73 -1.45
N MET A 267 -22.82 -14.63 -2.41
CA MET A 267 -22.97 -14.31 -3.82
C MET A 267 -23.43 -15.57 -4.54
N GLU A 268 -24.29 -15.39 -5.54
CA GLU A 268 -24.89 -16.52 -6.22
C GLU A 268 -23.94 -17.13 -7.25
N PHE A 269 -23.71 -18.43 -7.13
CA PHE A 269 -22.92 -19.19 -8.09
C PHE A 269 -23.73 -20.42 -8.50
N GLN A 270 -23.72 -20.74 -9.79
CA GLN A 270 -24.53 -21.83 -10.33
C GLN A 270 -23.63 -22.92 -10.90
N TYR A 271 -23.62 -24.08 -10.24
CA TYR A 271 -22.97 -25.25 -10.82
C TYR A 271 -23.81 -25.80 -11.95
N LEU A 272 -23.17 -26.17 -13.05
CA LEU A 272 -23.85 -26.62 -14.25
C LEU A 272 -23.55 -28.09 -14.52
N PRO A 273 -24.44 -28.78 -15.24
CA PRO A 273 -24.09 -30.11 -15.74
C PRO A 273 -22.92 -30.04 -16.70
N ASP A 274 -22.04 -31.04 -16.64
CA ASP A 274 -20.87 -31.11 -17.48
C ASP A 274 -21.05 -32.20 -18.53
N THR A 275 -20.54 -31.93 -19.73
CA THR A 275 -20.73 -32.85 -20.86
C THR A 275 -19.65 -33.92 -20.90
N ASP A 276 -18.45 -33.58 -21.36
CA ASP A 276 -17.46 -34.62 -21.64
C ASP A 276 -16.06 -34.07 -21.39
N ASP A 277 -15.40 -34.61 -20.38
CA ASP A 277 -13.97 -34.39 -20.19
C ASP A 277 -13.25 -35.72 -20.30
N MET B 1 42.23 17.01 -23.42
CA MET B 1 42.15 16.03 -22.34
C MET B 1 41.65 14.69 -22.87
N PRO B 2 41.93 13.62 -22.12
CA PRO B 2 41.23 12.36 -22.38
C PRO B 2 39.73 12.51 -22.13
N TYR B 3 38.95 11.45 -22.27
CA TYR B 3 37.52 11.56 -22.03
C TYR B 3 36.98 10.29 -21.39
N VAL B 4 35.70 10.35 -21.02
CA VAL B 4 35.01 9.29 -20.30
C VAL B 4 33.84 8.82 -21.13
N GLU B 5 33.69 7.50 -21.27
CA GLU B 5 32.60 6.91 -22.03
C GLU B 5 31.89 5.88 -21.15
N ILE B 6 30.56 5.88 -21.22
CA ILE B 6 29.73 4.93 -20.48
C ILE B 6 29.58 3.69 -21.35
N ILE B 7 30.17 2.58 -20.92
CA ILE B 7 30.05 1.35 -21.71
C ILE B 7 28.76 0.62 -21.40
N GLU B 8 28.30 0.63 -20.15
CA GLU B 8 26.99 0.13 -19.81
C GLU B 8 26.26 1.16 -18.96
N GLN B 9 25.19 1.71 -19.52
CA GLN B 9 24.33 2.65 -18.81
C GLN B 9 23.64 1.97 -17.65
N PRO B 10 23.10 2.74 -16.71
CA PRO B 10 22.24 2.16 -15.66
C PRO B 10 20.88 1.77 -16.22
N LYS B 11 20.25 0.81 -15.57
CA LYS B 11 18.90 0.40 -15.96
C LYS B 11 17.91 1.49 -15.58
N GLN B 12 17.03 1.84 -16.51
CA GLN B 12 16.21 3.03 -16.33
C GLN B 12 15.04 2.78 -15.38
N ARG B 13 14.30 1.69 -15.59
CA ARG B 13 13.09 1.41 -14.84
C ARG B 13 13.27 0.17 -13.97
N GLY B 14 12.39 0.04 -12.97
CA GLY B 14 12.29 -1.16 -12.16
C GLY B 14 12.75 -1.01 -10.73
N MET B 15 13.73 -0.14 -10.48
CA MET B 15 14.27 0.03 -9.15
C MET B 15 13.56 1.16 -8.41
N ARG B 16 13.27 0.93 -7.14
CA ARG B 16 12.68 1.95 -6.28
C ARG B 16 13.75 2.59 -5.42
N PHE B 17 13.70 3.91 -5.31
CA PHE B 17 14.58 4.61 -4.37
C PHE B 17 14.14 4.29 -2.95
N ARG B 18 15.11 4.12 -2.06
CA ARG B 18 14.84 3.68 -0.70
C ARG B 18 15.13 4.82 0.27
N TYR B 19 14.26 4.98 1.26
CA TYR B 19 14.45 6.02 2.25
C TYR B 19 15.57 5.65 3.23
N LYS B 20 16.07 6.68 3.91
CA LYS B 20 17.15 6.48 4.88
C LYS B 20 16.76 5.54 6.00
N CYS B 21 15.48 5.52 6.35
CA CYS B 21 14.99 4.65 7.41
C CYS B 21 15.09 3.17 7.05
N GLU B 22 15.18 2.82 5.76
CA GLU B 22 15.18 1.44 5.32
C GLU B 22 16.57 0.80 5.33
N GLY B 23 17.60 1.51 5.74
CA GLY B 23 18.93 0.94 5.84
C GLY B 23 19.98 1.98 5.50
N ARG B 24 21.24 1.52 5.55
CA ARG B 24 22.39 2.35 5.20
C ARG B 24 22.66 2.35 3.69
N SER B 25 22.71 1.18 3.08
CA SER B 25 22.86 1.06 1.63
C SER B 25 21.52 0.82 0.99
N ALA B 26 21.40 1.24 -0.27
CA ALA B 26 20.15 1.16 -1.01
C ALA B 26 20.27 0.22 -2.20
N GLY B 27 20.99 -0.88 -2.02
CA GLY B 27 21.09 -1.90 -3.06
C GLY B 27 22.21 -1.58 -4.04
N SER B 28 21.91 -1.72 -5.32
CA SER B 28 22.89 -1.45 -6.37
C SER B 28 22.13 -1.19 -7.67
N ILE B 29 22.33 -0.01 -8.24
CA ILE B 29 21.75 0.31 -9.54
C ILE B 29 22.25 -0.72 -10.55
N PRO B 30 21.37 -1.48 -11.18
CA PRO B 30 21.82 -2.53 -12.09
C PRO B 30 22.17 -1.98 -13.46
N GLY B 31 23.07 -2.69 -14.14
CA GLY B 31 23.34 -2.38 -15.53
C GLY B 31 22.12 -2.64 -16.39
N GLU B 32 21.99 -1.86 -17.47
CA GLU B 32 20.80 -2.00 -18.30
C GLU B 32 20.78 -3.30 -19.09
N ARG B 33 21.92 -3.97 -19.24
CA ARG B 33 21.99 -5.28 -19.87
C ARG B 33 22.04 -6.42 -18.85
N SER B 34 21.48 -6.19 -17.66
CA SER B 34 21.52 -7.19 -16.60
C SER B 34 20.43 -8.23 -16.87
N THR B 35 20.84 -9.45 -17.20
CA THR B 35 19.90 -10.53 -17.45
C THR B 35 19.25 -10.98 -16.15
N ASP B 36 19.70 -12.11 -15.64
CA ASP B 36 19.31 -12.70 -14.37
C ASP B 36 20.22 -13.89 -14.20
N THR B 37 20.54 -14.52 -15.34
CA THR B 37 21.73 -15.37 -15.42
C THR B 37 22.98 -14.54 -15.20
N THR B 38 22.97 -13.28 -15.66
CA THR B 38 24.07 -12.35 -15.50
C THR B 38 23.62 -11.17 -14.64
N LYS B 39 24.59 -10.56 -13.96
CA LYS B 39 24.32 -9.43 -13.05
C LYS B 39 25.32 -8.33 -13.40
N THR B 40 24.92 -7.45 -14.31
CA THR B 40 25.81 -6.39 -14.78
C THR B 40 25.58 -5.11 -13.98
N HIS B 41 26.51 -4.17 -14.10
CA HIS B 41 26.54 -2.95 -13.32
C HIS B 41 26.93 -1.78 -14.19
N PRO B 42 26.67 -0.55 -13.75
CA PRO B 42 27.08 0.63 -14.54
C PRO B 42 28.60 0.72 -14.62
N THR B 43 29.10 0.90 -15.83
CA THR B 43 30.53 0.84 -16.11
C THR B 43 30.93 1.98 -17.03
N ILE B 44 32.13 2.53 -16.80
CA ILE B 44 32.69 3.59 -17.62
C ILE B 44 34.02 3.13 -18.17
N LYS B 45 34.37 3.61 -19.36
CA LYS B 45 35.70 3.42 -19.92
C LYS B 45 36.38 4.77 -20.07
N ILE B 46 37.64 4.83 -19.66
CA ILE B 46 38.43 6.06 -19.70
C ILE B 46 39.37 5.95 -20.89
N ASN B 47 39.08 6.73 -21.93
CA ASN B 47 39.87 6.72 -23.14
C ASN B 47 41.07 7.65 -23.00
N GLY B 48 42.15 7.33 -23.70
CA GLY B 48 43.31 8.20 -23.72
C GLY B 48 44.06 8.35 -22.41
N TYR B 49 43.71 7.57 -21.39
CA TYR B 49 44.44 7.62 -20.12
C TYR B 49 44.33 6.29 -19.41
N THR B 50 45.42 5.89 -18.77
CA THR B 50 45.46 4.75 -17.86
C THR B 50 46.45 5.06 -16.76
N GLY B 51 45.99 5.06 -15.51
CA GLY B 51 46.83 5.40 -14.38
C GLY B 51 46.01 5.91 -13.22
N PRO B 52 46.70 6.36 -12.16
CA PRO B 52 45.98 6.83 -10.97
C PRO B 52 45.12 8.05 -11.26
N GLY B 53 44.17 8.28 -10.37
CA GLY B 53 43.23 9.38 -10.52
C GLY B 53 42.12 9.26 -9.50
N THR B 54 41.04 9.99 -9.79
CA THR B 54 39.87 10.03 -8.92
C THR B 54 38.61 10.03 -9.77
N VAL B 55 37.61 9.25 -9.34
CA VAL B 55 36.30 9.22 -9.99
C VAL B 55 35.25 9.62 -8.95
N ARG B 56 34.42 10.59 -9.30
CA ARG B 56 33.28 10.99 -8.50
C ARG B 56 32.00 10.81 -9.30
N ILE B 57 30.99 10.22 -8.67
CA ILE B 57 29.67 10.05 -9.26
C ILE B 57 28.66 10.74 -8.35
N SER B 58 27.84 11.62 -8.93
CA SER B 58 26.81 12.34 -8.20
C SER B 58 25.50 12.29 -8.99
N LEU B 59 24.44 12.70 -8.32
CA LEU B 59 23.10 12.71 -8.91
C LEU B 59 22.75 14.12 -9.35
N VAL B 60 22.31 14.26 -10.59
CA VAL B 60 21.81 15.53 -11.11
C VAL B 60 20.41 15.30 -11.64
N THR B 61 19.70 16.41 -11.89
CA THR B 61 18.33 16.33 -12.35
C THR B 61 18.28 15.77 -13.77
N LYS B 62 17.13 15.19 -14.11
CA LYS B 62 16.95 14.60 -15.43
C LYS B 62 17.05 15.65 -16.54
N ASP B 63 16.48 16.84 -16.31
CA ASP B 63 16.39 17.86 -17.33
C ASP B 63 17.39 18.99 -17.09
N PRO B 64 17.87 19.64 -18.16
CA PRO B 64 18.76 20.77 -17.97
C PRO B 64 18.01 21.99 -17.45
N PRO B 65 18.67 22.86 -16.69
CA PRO B 65 20.06 22.77 -16.22
C PRO B 65 20.22 21.67 -15.18
N HIS B 66 21.29 20.89 -15.27
CA HIS B 66 21.46 19.70 -14.44
C HIS B 66 22.00 20.11 -13.08
N ARG B 67 21.08 20.61 -12.26
CA ARG B 67 21.37 20.95 -10.88
C ARG B 67 21.65 19.68 -10.08
N PRO B 68 22.39 19.81 -8.97
CA PRO B 68 22.55 18.64 -8.08
C PRO B 68 21.20 18.17 -7.57
N HIS B 69 21.07 16.88 -7.41
CA HIS B 69 19.77 16.39 -6.99
C HIS B 69 19.69 16.25 -5.48
N PRO B 70 18.52 16.51 -4.90
CA PRO B 70 18.38 16.33 -3.44
C PRO B 70 18.64 14.90 -2.97
N HIS B 71 18.31 13.90 -3.79
CA HIS B 71 18.56 12.52 -3.40
C HIS B 71 20.05 12.26 -3.26
N GLU B 72 20.39 11.19 -2.55
CA GLU B 72 21.75 10.85 -2.23
C GLU B 72 22.16 9.52 -2.87
N LEU B 73 23.45 9.44 -3.22
CA LEU B 73 24.08 8.17 -3.52
C LEU B 73 24.64 7.59 -2.24
N VAL B 74 24.36 6.31 -1.97
CA VAL B 74 24.81 5.63 -0.78
C VAL B 74 25.43 4.30 -1.18
N GLY B 75 26.24 3.76 -0.27
CA GLY B 75 26.93 2.51 -0.52
C GLY B 75 28.42 2.65 -0.31
N LYS B 76 29.21 1.82 -1.00
CA LYS B 76 30.65 1.82 -0.79
C LYS B 76 31.27 3.10 -1.31
N ASP B 77 32.08 3.74 -0.47
CA ASP B 77 32.81 4.96 -0.82
C ASP B 77 31.87 6.09 -1.21
N CYS B 78 30.70 6.15 -0.57
CA CYS B 78 29.77 7.25 -0.73
C CYS B 78 29.75 8.09 0.55
N ARG B 79 29.81 9.42 0.37
CA ARG B 79 29.65 10.34 1.50
C ARG B 79 29.03 11.63 0.97
N ASP B 80 28.22 12.26 1.82
CA ASP B 80 27.55 13.51 1.50
C ASP B 80 26.74 13.42 0.20
N GLY B 81 26.20 12.25 -0.10
CA GLY B 81 25.32 12.08 -1.24
C GLY B 81 25.98 11.79 -2.56
N TYR B 82 27.31 11.68 -2.60
CA TYR B 82 28.02 11.35 -3.83
C TYR B 82 29.04 10.24 -3.56
N TYR B 83 29.40 9.55 -4.64
CA TYR B 83 30.43 8.52 -4.64
C TYR B 83 31.75 9.14 -5.03
N GLU B 84 32.83 8.78 -4.32
CA GLU B 84 34.16 9.24 -4.67
C GLU B 84 35.16 8.20 -4.20
N ALA B 85 35.97 7.70 -5.13
CA ALA B 85 36.96 6.67 -4.81
C ALA B 85 38.14 6.81 -5.76
N ASP B 86 39.26 6.23 -5.35
CA ASP B 86 40.44 6.23 -6.20
C ASP B 86 40.19 5.44 -7.47
N LEU B 87 40.63 5.99 -8.60
CA LEU B 87 40.61 5.26 -9.85
C LEU B 87 41.63 4.13 -9.77
N CYS B 88 41.27 2.96 -10.30
CA CYS B 88 42.19 1.84 -10.30
C CYS B 88 43.33 2.13 -11.26
N PRO B 89 44.58 2.18 -10.80
CA PRO B 89 45.67 2.57 -11.70
C PRO B 89 45.91 1.58 -12.82
N ASP B 90 45.67 0.29 -12.59
CA ASP B 90 45.98 -0.73 -13.58
C ASP B 90 44.92 -0.83 -14.68
N ARG B 91 43.68 -0.43 -14.42
CA ARG B 91 42.58 -0.70 -15.32
C ARG B 91 42.07 0.57 -15.97
N SER B 92 41.61 0.43 -17.21
CA SER B 92 41.00 1.52 -17.95
C SER B 92 39.47 1.45 -17.97
N ILE B 93 38.90 0.32 -17.53
CA ILE B 93 37.47 0.16 -17.38
C ILE B 93 37.14 0.10 -15.90
N HIS B 94 36.01 0.68 -15.52
CA HIS B 94 35.70 0.82 -14.10
C HIS B 94 34.24 0.49 -13.84
N SER B 95 34.01 -0.47 -12.94
CA SER B 95 32.69 -0.92 -12.54
C SER B 95 32.32 -0.33 -11.19
N PHE B 96 31.05 0.06 -11.06
CA PHE B 96 30.50 0.59 -9.82
C PHE B 96 29.26 -0.25 -9.49
N GLN B 97 29.39 -1.12 -8.49
CA GLN B 97 28.45 -2.18 -8.22
C GLN B 97 27.74 -2.02 -6.88
N ASN B 98 27.93 -0.90 -6.19
CA ASN B 98 27.33 -0.68 -4.89
C ASN B 98 26.68 0.70 -4.81
N LEU B 99 26.16 1.19 -5.93
CA LEU B 99 25.50 2.49 -5.99
C LEU B 99 24.02 2.31 -5.70
N GLY B 100 23.56 2.85 -4.57
CA GLY B 100 22.15 2.88 -4.25
C GLY B 100 21.65 4.31 -4.20
N ILE B 101 20.38 4.49 -4.56
CA ILE B 101 19.75 5.81 -4.56
C ILE B 101 18.89 5.93 -3.33
N GLN B 102 19.26 6.85 -2.44
CA GLN B 102 18.49 7.14 -1.23
C GLN B 102 17.69 8.41 -1.47
N CYS B 103 16.37 8.28 -1.46
CA CYS B 103 15.50 9.42 -1.72
C CYS B 103 15.29 10.23 -0.44
N VAL B 104 15.27 11.54 -0.60
CA VAL B 104 15.07 12.47 0.50
C VAL B 104 13.58 12.74 0.67
N LYS B 105 13.13 12.83 1.92
CA LYS B 105 11.74 13.16 2.20
C LYS B 105 11.45 14.62 1.82
N LYS B 106 10.21 14.86 1.41
CA LYS B 106 9.85 16.18 0.90
C LYS B 106 10.07 17.28 1.93
N ARG B 107 9.94 16.97 3.22
CA ARG B 107 10.19 17.98 4.25
C ARG B 107 11.67 18.18 4.55
N ASP B 108 12.55 17.41 3.91
CA ASP B 108 14.00 17.61 4.03
C ASP B 108 14.60 18.10 2.72
N LEU B 109 13.79 18.72 1.87
CA LEU B 109 14.24 19.11 0.54
C LEU B 109 15.26 20.25 0.60
N GLU B 110 14.87 21.38 1.19
CA GLU B 110 15.73 22.55 1.20
C GLU B 110 17.04 22.29 1.94
N GLN B 111 17.01 21.42 2.95
CA GLN B 111 18.24 21.08 3.67
C GLN B 111 19.15 20.23 2.80
N ALA B 112 18.59 19.27 2.07
CA ALA B 112 19.40 18.43 1.19
C ALA B 112 20.07 19.27 0.11
N ILE B 113 19.34 20.22 -0.47
CA ILE B 113 19.92 21.10 -1.49
C ILE B 113 21.00 21.97 -0.86
N SER B 114 20.80 22.39 0.38
CA SER B 114 21.83 23.14 1.10
C SER B 114 23.11 22.33 1.24
N GLN B 115 22.99 21.01 1.47
CA GLN B 115 24.19 20.18 1.60
C GLN B 115 24.91 20.02 0.27
N ARG B 116 24.19 20.01 -0.85
CA ARG B 116 24.83 19.95 -2.15
C ARG B 116 25.71 21.17 -2.37
N ILE B 117 25.18 22.36 -2.08
CA ILE B 117 25.95 23.59 -2.23
C ILE B 117 27.09 23.63 -1.24
N GLN B 118 26.84 23.20 0.00
CA GLN B 118 27.87 23.24 1.04
C GLN B 118 29.05 22.34 0.69
N THR B 119 28.77 21.18 0.11
CA THR B 119 29.79 20.20 -0.21
C THR B 119 30.39 20.40 -1.60
N ASN B 120 30.09 21.52 -2.25
CA ASN B 120 30.57 21.79 -3.61
C ASN B 120 30.21 20.66 -4.56
N ASN B 121 28.98 20.17 -4.43
CA ASN B 121 28.45 19.11 -5.30
C ASN B 121 27.57 19.81 -6.34
N ASN B 122 28.20 20.25 -7.42
CA ASN B 122 27.55 21.00 -8.49
C ASN B 122 28.34 20.82 -9.77
N PRO B 123 28.27 19.65 -10.41
CA PRO B 123 29.20 19.35 -11.51
C PRO B 123 29.11 20.32 -12.69
N PHE B 124 27.97 20.96 -12.90
CA PHE B 124 27.79 21.89 -14.00
C PHE B 124 27.73 23.34 -13.53
N HIS B 125 27.96 23.58 -12.24
CA HIS B 125 28.14 24.93 -11.68
C HIS B 125 26.92 25.81 -11.98
N VAL B 126 25.74 25.26 -11.72
CA VAL B 126 24.50 26.01 -11.91
C VAL B 126 24.40 27.05 -10.81
N PRO B 127 24.09 28.31 -11.13
CA PRO B 127 23.97 29.32 -10.07
C PRO B 127 22.85 28.99 -9.10
N ILE B 128 23.00 29.49 -7.87
CA ILE B 128 22.07 29.17 -6.79
C ILE B 128 20.68 29.71 -7.06
N GLU B 129 20.56 30.71 -7.93
CA GLU B 129 19.24 31.26 -8.25
C GLU B 129 18.32 30.19 -8.82
N GLU B 130 18.88 29.24 -9.57
CA GLU B 130 18.11 28.22 -10.26
C GLU B 130 17.95 26.93 -9.46
N GLN B 131 18.68 26.79 -8.35
CA GLN B 131 18.43 25.72 -7.40
C GLN B 131 17.21 25.99 -6.53
N ARG B 132 16.40 26.97 -6.94
CA ARG B 132 15.13 27.33 -6.32
C ARG B 132 13.98 26.53 -6.92
N GLY B 133 14.05 26.24 -8.22
CA GLY B 133 12.96 25.65 -8.96
C GLY B 133 12.68 24.21 -8.55
N ASP B 134 11.60 23.68 -9.13
CA ASP B 134 11.06 22.39 -8.70
C ASP B 134 11.95 21.24 -9.15
N TYR B 135 12.00 20.21 -8.31
CA TYR B 135 12.77 19.00 -8.56
C TYR B 135 11.84 17.83 -8.82
N ASP B 136 12.10 17.09 -9.89
CA ASP B 136 11.43 15.82 -10.14
C ASP B 136 12.07 14.80 -9.21
N LEU B 137 11.38 14.47 -8.12
CA LEU B 137 11.91 13.54 -7.13
C LEU B 137 11.80 12.09 -7.57
N ASN B 138 11.33 11.82 -8.80
CA ASN B 138 11.17 10.47 -9.30
C ASN B 138 12.16 10.13 -10.40
N ALA B 139 13.11 11.01 -10.70
CA ALA B 139 14.06 10.78 -11.77
C ALA B 139 15.37 11.47 -11.45
N VAL B 140 16.48 10.77 -11.71
CA VAL B 140 17.82 11.31 -11.54
C VAL B 140 18.67 10.87 -12.72
N ARG B 141 19.83 11.51 -12.85
CA ARG B 141 20.87 11.09 -13.78
C ARG B 141 22.17 10.92 -12.99
N LEU B 142 22.93 9.89 -13.35
CA LEU B 142 24.29 9.76 -12.85
C LEU B 142 25.21 10.73 -13.60
N CYS B 143 26.15 11.32 -12.87
CA CYS B 143 27.12 12.27 -13.43
C CYS B 143 28.52 11.81 -13.04
N PHE B 144 29.30 11.37 -14.02
CA PHE B 144 30.64 10.85 -13.77
C PHE B 144 31.65 11.99 -13.92
N GLN B 145 32.38 12.28 -12.84
CA GLN B 145 33.39 13.33 -12.81
C GLN B 145 34.75 12.68 -12.53
N VAL B 146 35.53 12.44 -13.58
CA VAL B 146 36.81 11.76 -13.48
C VAL B 146 37.93 12.78 -13.53
N THR B 147 38.86 12.68 -12.58
CA THR B 147 40.05 13.52 -12.54
C THR B 147 41.27 12.65 -12.79
N VAL B 148 41.99 12.93 -13.87
CA VAL B 148 43.20 12.17 -14.20
C VAL B 148 44.42 13.00 -13.87
N ARG B 149 45.53 12.73 -14.55
CA ARG B 149 46.78 13.43 -14.29
C ARG B 149 47.49 13.73 -15.61
N ASP B 150 48.13 14.89 -15.67
CA ASP B 150 49.02 15.22 -16.77
C ASP B 150 50.37 14.58 -16.52
N PRO B 151 51.29 14.59 -17.50
CA PRO B 151 52.57 13.87 -17.30
C PRO B 151 53.37 14.31 -16.08
N ALA B 152 53.06 15.45 -15.46
CA ALA B 152 53.79 15.89 -14.26
C ALA B 152 53.00 15.71 -12.99
N GLY B 153 51.82 15.07 -13.06
CA GLY B 153 51.00 14.89 -11.87
C GLY B 153 50.02 16.00 -11.61
N ARG B 154 49.73 16.84 -12.60
CA ARG B 154 48.77 17.92 -12.41
C ARG B 154 47.36 17.40 -12.65
N PRO B 155 46.42 17.65 -11.73
CA PRO B 155 45.05 17.17 -11.93
C PRO B 155 44.44 17.70 -13.21
N LEU B 156 43.77 16.81 -13.94
CA LEU B 156 43.11 17.11 -15.20
C LEU B 156 41.66 16.66 -15.09
N LEU B 157 40.74 17.62 -14.97
CA LEU B 157 39.32 17.33 -14.81
C LEU B 157 38.72 17.04 -16.19
N LEU B 158 38.43 15.78 -16.46
CA LEU B 158 37.77 15.40 -17.70
C LEU B 158 36.32 15.87 -17.70
N THR B 159 35.79 16.09 -18.89
CA THR B 159 34.44 16.62 -19.03
C THR B 159 33.44 15.67 -18.35
N PRO B 160 32.55 16.18 -17.50
CA PRO B 160 31.54 15.32 -16.89
C PRO B 160 30.58 14.77 -17.93
N VAL B 161 30.22 13.50 -17.76
CA VAL B 161 29.30 12.82 -18.67
C VAL B 161 28.05 12.42 -17.89
N LEU B 162 26.90 12.54 -18.54
CA LEU B 162 25.62 12.22 -17.91
C LEU B 162 25.10 10.89 -18.43
N SER B 163 24.58 10.07 -17.52
CA SER B 163 23.98 8.81 -17.90
C SER B 163 22.55 9.04 -18.36
N HIS B 164 21.93 7.96 -18.87
CA HIS B 164 20.50 7.97 -19.09
C HIS B 164 19.78 8.18 -17.76
N PRO B 165 18.55 8.67 -17.79
CA PRO B 165 17.82 8.90 -16.54
C PRO B 165 17.42 7.60 -15.86
N ILE B 166 17.36 7.64 -14.53
CA ILE B 166 16.88 6.53 -13.73
C ILE B 166 15.60 6.96 -13.04
N PHE B 167 14.57 6.12 -13.14
CA PHE B 167 13.23 6.48 -12.67
C PHE B 167 12.87 5.68 -11.43
N ASP B 168 12.15 6.32 -10.52
CA ASP B 168 11.76 5.68 -9.26
C ASP B 168 10.54 4.80 -9.51
N ASN B 169 10.65 3.53 -9.13
CA ASN B 169 9.52 2.62 -9.21
C ASN B 169 8.50 2.87 -8.12
N ARG B 170 8.84 3.66 -7.10
CA ARG B 170 7.88 4.02 -6.08
C ARG B 170 6.70 4.79 -6.65
N ALA B 171 6.96 5.65 -7.62
CA ALA B 171 5.93 6.49 -8.20
C ALA B 171 5.27 5.76 -9.37
N PRO B 172 3.95 5.53 -9.34
CA PRO B 172 3.31 4.81 -10.45
C PRO B 172 3.38 5.56 -11.76
N ASN B 173 3.53 6.88 -11.75
CA ASN B 173 3.69 7.60 -13.01
C ASN B 173 5.09 7.45 -13.59
N THR B 174 6.06 6.90 -12.84
CA THR B 174 7.38 6.64 -13.38
C THR B 174 7.79 5.18 -13.24
N ALA B 175 6.89 4.33 -12.75
CA ALA B 175 7.25 2.95 -12.49
C ALA B 175 7.25 2.13 -13.77
N GLU B 176 7.84 0.94 -13.69
CA GLU B 176 7.79 0.00 -14.80
C GLU B 176 6.38 -0.55 -14.92
N LEU B 177 5.89 -0.63 -16.16
CA LEU B 177 4.57 -1.19 -16.44
C LEU B 177 4.71 -2.69 -16.62
N LYS B 178 3.92 -3.46 -15.87
CA LYS B 178 4.02 -4.91 -15.90
C LYS B 178 2.63 -5.51 -15.90
N ILE B 179 2.34 -6.36 -16.89
CA ILE B 179 1.15 -7.20 -16.88
C ILE B 179 1.50 -8.48 -16.16
N CYS B 180 0.82 -8.76 -15.05
CA CYS B 180 1.13 -9.93 -14.26
C CYS B 180 0.28 -11.14 -14.64
N ARG B 181 -0.96 -10.93 -15.07
CA ARG B 181 -1.87 -12.04 -15.30
C ARG B 181 -3.11 -11.56 -16.03
N VAL B 182 -3.65 -12.42 -16.90
CA VAL B 182 -4.94 -12.18 -17.56
C VAL B 182 -5.76 -13.46 -17.52
N ASN B 183 -7.08 -13.30 -17.46
CA ASN B 183 -7.94 -14.47 -17.39
C ASN B 183 -7.98 -15.25 -18.71
N ARG B 184 -7.67 -14.60 -19.82
CA ARG B 184 -7.55 -15.29 -21.10
C ARG B 184 -6.83 -14.37 -22.08
N ASN B 185 -6.24 -14.98 -23.10
CA ASN B 185 -5.48 -14.29 -24.14
C ASN B 185 -5.93 -14.74 -25.52
N SER B 186 -7.23 -14.97 -25.69
CA SER B 186 -7.82 -15.26 -26.99
C SER B 186 -9.25 -14.74 -27.00
N GLY B 187 -9.76 -14.49 -28.20
CA GLY B 187 -11.11 -13.98 -28.32
C GLY B 187 -11.46 -13.78 -29.77
N SER B 188 -12.69 -13.34 -29.99
CA SER B 188 -13.20 -13.13 -31.32
C SER B 188 -12.85 -11.74 -31.83
N CYS B 189 -12.75 -11.62 -33.15
CA CYS B 189 -12.52 -10.32 -33.77
C CYS B 189 -13.67 -9.36 -33.55
N LEU B 190 -14.84 -9.86 -33.14
CA LEU B 190 -15.97 -8.97 -32.85
C LEU B 190 -15.73 -8.13 -31.61
N GLY B 191 -14.82 -8.54 -30.73
CA GLY B 191 -14.54 -7.78 -29.53
C GLY B 191 -15.53 -8.11 -28.42
N GLY B 192 -15.63 -7.17 -27.47
CA GLY B 192 -16.55 -7.32 -26.37
C GLY B 192 -16.20 -8.38 -25.36
N ASP B 193 -15.09 -9.09 -25.52
CA ASP B 193 -14.68 -10.10 -24.56
C ASP B 193 -14.18 -9.42 -23.29
N GLU B 194 -14.80 -9.75 -22.16
CA GLU B 194 -14.37 -9.17 -20.88
C GLU B 194 -13.07 -9.82 -20.43
N ILE B 195 -12.10 -8.98 -20.08
CA ILE B 195 -10.78 -9.45 -19.66
C ILE B 195 -10.45 -8.86 -18.30
N PHE B 196 -10.10 -9.73 -17.35
CA PHE B 196 -9.60 -9.32 -16.04
C PHE B 196 -8.08 -9.35 -16.09
N LEU B 197 -7.47 -8.18 -16.01
CA LEU B 197 -6.01 -8.05 -16.10
C LEU B 197 -5.45 -7.61 -14.76
N LEU B 198 -4.44 -8.33 -14.29
CA LEU B 198 -3.71 -7.98 -13.08
C LEU B 198 -2.37 -7.36 -13.48
N CYS B 199 -2.00 -6.29 -12.78
CA CYS B 199 -0.84 -5.51 -13.20
C CYS B 199 -0.19 -4.86 -11.99
N ASP B 200 1.06 -4.41 -12.20
CA ASP B 200 1.70 -3.57 -11.21
C ASP B 200 0.93 -2.26 -11.06
N LYS B 201 1.21 -1.55 -9.97
CA LYS B 201 0.44 -0.37 -9.61
C LYS B 201 0.48 0.67 -10.72
N VAL B 202 -0.69 1.17 -11.11
CA VAL B 202 -0.83 2.18 -12.13
C VAL B 202 -1.77 3.26 -11.61
N GLN B 203 -1.95 4.31 -12.42
CA GLN B 203 -2.89 5.39 -12.13
C GLN B 203 -4.02 5.33 -13.15
N LYS B 204 -5.27 5.38 -12.66
CA LYS B 204 -6.41 5.06 -13.51
C LYS B 204 -6.68 6.12 -14.57
N GLU B 205 -6.19 7.34 -14.40
CA GLU B 205 -6.31 8.35 -15.44
C GLU B 205 -5.16 8.30 -16.43
N ASP B 206 -4.06 7.64 -16.08
CA ASP B 206 -2.86 7.62 -16.91
C ASP B 206 -2.51 6.19 -17.29
N ILE B 207 -3.51 5.43 -17.77
CA ILE B 207 -3.31 4.04 -18.12
C ILE B 207 -4.30 3.67 -19.22
N GLU B 208 -3.89 2.74 -20.08
CA GLU B 208 -4.75 2.17 -21.10
C GLU B 208 -4.13 0.89 -21.64
N VAL B 209 -4.97 0.00 -22.15
CA VAL B 209 -4.54 -1.27 -22.72
C VAL B 209 -4.41 -1.08 -24.23
N TYR B 210 -3.24 -1.41 -24.77
CA TYR B 210 -2.83 -1.01 -26.11
C TYR B 210 -2.66 -2.25 -26.98
N PHE B 211 -3.66 -2.55 -27.80
CA PHE B 211 -3.58 -3.63 -28.78
C PHE B 211 -2.95 -3.09 -30.06
N THR B 212 -1.90 -3.76 -30.54
CA THR B 212 -1.23 -3.33 -31.76
C THR B 212 -0.89 -4.53 -32.63
N GLY B 213 -0.55 -4.24 -33.87
CA GLY B 213 -0.23 -5.21 -34.88
C GLY B 213 -0.07 -4.47 -36.20
N PRO B 214 0.88 -4.92 -37.05
CA PRO B 214 1.31 -4.13 -38.22
C PRO B 214 0.24 -3.26 -38.87
N GLY B 215 0.34 -1.96 -38.67
CA GLY B 215 -0.58 -1.01 -39.25
C GLY B 215 -1.93 -0.90 -38.58
N TRP B 216 -2.11 -1.48 -37.39
CA TRP B 216 -3.38 -1.47 -36.69
C TRP B 216 -3.16 -1.10 -35.24
N GLU B 217 -3.97 -0.19 -34.73
CA GLU B 217 -3.79 0.33 -33.37
C GLU B 217 -5.17 0.41 -32.72
N ALA B 218 -5.48 -0.58 -31.89
CA ALA B 218 -6.73 -0.61 -31.13
C ALA B 218 -6.44 -0.37 -29.65
N ARG B 219 -7.51 -0.36 -28.86
CA ARG B 219 -7.42 0.10 -27.47
C ARG B 219 -8.55 -0.53 -26.68
N GLY B 220 -8.22 -1.23 -25.61
CA GLY B 220 -9.24 -1.81 -24.76
C GLY B 220 -10.16 -0.75 -24.19
N SER B 221 -11.42 -1.14 -23.97
CA SER B 221 -12.46 -0.22 -23.54
C SER B 221 -12.75 -0.44 -22.06
N PHE B 222 -12.60 0.61 -21.26
CA PHE B 222 -12.92 0.59 -19.83
C PHE B 222 -12.97 2.02 -19.34
N SER B 223 -13.48 2.18 -18.11
CA SER B 223 -13.54 3.46 -17.44
C SER B 223 -12.66 3.43 -16.20
N GLN B 224 -12.45 4.61 -15.60
CA GLN B 224 -11.62 4.69 -14.40
C GLN B 224 -12.22 3.90 -13.24
N ALA B 225 -13.53 3.66 -13.24
CA ALA B 225 -14.12 2.81 -12.22
C ALA B 225 -13.76 1.34 -12.42
N ASP B 226 -13.37 0.94 -13.62
CA ASP B 226 -12.99 -0.44 -13.91
C ASP B 226 -11.56 -0.76 -13.54
N VAL B 227 -10.82 0.19 -12.97
CA VAL B 227 -9.50 -0.03 -12.42
C VAL B 227 -9.63 -0.24 -10.92
N HIS B 228 -9.31 -1.44 -10.46
CA HIS B 228 -9.55 -1.85 -9.08
C HIS B 228 -8.29 -1.67 -8.25
N ARG B 229 -8.29 -0.64 -7.39
CA ARG B 229 -7.24 -0.42 -6.39
C ARG B 229 -5.85 -0.37 -7.03
N GLN B 230 -5.81 0.19 -8.24
CA GLN B 230 -4.61 0.52 -9.02
C GLN B 230 -3.87 -0.70 -9.56
N VAL B 231 -4.33 -1.93 -9.32
CA VAL B 231 -3.54 -3.09 -9.67
C VAL B 231 -4.34 -4.11 -10.47
N ALA B 232 -5.49 -3.70 -10.98
CA ALA B 232 -6.31 -4.60 -11.79
C ALA B 232 -7.21 -3.78 -12.70
N ILE B 233 -7.40 -4.27 -13.93
CA ILE B 233 -8.22 -3.61 -14.93
C ILE B 233 -9.19 -4.63 -15.51
N VAL B 234 -10.48 -4.30 -15.53
CA VAL B 234 -11.49 -5.08 -16.21
C VAL B 234 -11.92 -4.29 -17.43
N PHE B 235 -11.56 -4.78 -18.62
CA PHE B 235 -11.85 -4.08 -19.85
C PHE B 235 -12.42 -5.05 -20.87
N ARG B 236 -13.08 -4.48 -21.88
CA ARG B 236 -13.60 -5.22 -23.03
C ARG B 236 -12.63 -5.07 -24.19
N THR B 237 -12.36 -6.18 -24.87
CA THR B 237 -11.41 -6.15 -25.96
C THR B 237 -11.95 -5.34 -27.14
N PRO B 238 -11.06 -4.76 -27.94
CA PRO B 238 -11.50 -4.09 -29.17
C PRO B 238 -11.58 -5.08 -30.33
N PRO B 239 -12.31 -4.74 -31.38
CA PRO B 239 -12.30 -5.59 -32.58
C PRO B 239 -10.93 -5.62 -33.24
N TYR B 240 -10.71 -6.67 -34.02
CA TYR B 240 -9.52 -6.76 -34.84
C TYR B 240 -9.68 -5.86 -36.07
N ALA B 241 -8.57 -5.65 -36.78
CA ALA B 241 -8.58 -4.83 -37.98
C ALA B 241 -9.24 -5.56 -39.15
N ASP B 242 -10.25 -6.38 -38.85
CA ASP B 242 -10.94 -7.23 -39.83
C ASP B 242 -12.02 -8.05 -39.15
N PRO B 243 -13.29 -7.61 -39.17
CA PRO B 243 -14.38 -8.46 -38.69
C PRO B 243 -14.60 -9.72 -39.51
N SER B 244 -13.54 -10.33 -40.04
CA SER B 244 -13.68 -11.49 -40.90
C SER B 244 -12.74 -12.61 -40.48
N LEU B 245 -11.68 -12.81 -41.28
CA LEU B 245 -10.45 -13.51 -40.91
C LEU B 245 -10.38 -14.97 -41.39
N GLN B 246 -10.98 -15.91 -40.65
CA GLN B 246 -10.85 -17.37 -40.82
C GLN B 246 -9.56 -17.90 -40.18
N ALA B 247 -8.50 -17.08 -40.16
CA ALA B 247 -7.27 -17.60 -39.60
C ALA B 247 -7.10 -17.16 -38.15
N PRO B 248 -6.46 -17.98 -37.31
CA PRO B 248 -6.07 -17.54 -35.96
C PRO B 248 -4.84 -16.65 -36.05
N VAL B 249 -5.01 -15.37 -35.74
CA VAL B 249 -3.95 -14.38 -35.86
C VAL B 249 -3.53 -13.94 -34.47
N ARG B 250 -2.24 -13.72 -34.30
CA ARG B 250 -1.68 -13.26 -33.03
C ARG B 250 -1.33 -11.79 -33.12
N VAL B 251 -1.66 -11.04 -32.06
CA VAL B 251 -1.32 -9.63 -32.00
C VAL B 251 -0.64 -9.35 -30.66
N SER B 252 -0.46 -8.06 -30.34
CA SER B 252 0.25 -7.66 -29.13
C SER B 252 -0.67 -6.93 -28.18
N MET B 253 -0.55 -7.25 -26.89
CA MET B 253 -1.30 -6.61 -25.82
C MET B 253 -0.30 -5.96 -24.88
N GLN B 254 -0.45 -4.66 -24.66
CA GLN B 254 0.47 -3.90 -23.82
C GLN B 254 -0.29 -2.90 -22.96
N LEU B 255 0.21 -2.68 -21.76
CA LEU B 255 -0.20 -1.53 -20.97
C LEU B 255 0.51 -0.29 -21.49
N ARG B 256 -0.16 0.86 -21.38
CA ARG B 256 0.43 2.08 -21.89
C ARG B 256 0.11 3.24 -20.96
N ARG B 257 1.14 4.01 -20.63
CA ARG B 257 0.98 5.26 -19.90
C ARG B 257 1.00 6.38 -20.93
N PRO B 258 -0.14 6.98 -21.25
CA PRO B 258 -0.14 8.02 -22.30
C PRO B 258 0.73 9.23 -21.99
N SER B 259 1.07 9.45 -20.72
CA SER B 259 1.85 10.63 -20.34
C SER B 259 3.27 10.60 -20.88
N ASP B 260 3.79 9.40 -21.17
CA ASP B 260 5.16 9.31 -21.68
C ASP B 260 5.33 8.23 -22.73
N ARG B 261 4.24 7.69 -23.30
CA ARG B 261 4.29 6.68 -24.36
C ARG B 261 4.98 5.40 -23.91
N GLU B 262 5.05 5.17 -22.59
CA GLU B 262 5.72 4.00 -22.07
C GLU B 262 4.82 2.78 -22.20
N LEU B 263 5.42 1.67 -22.65
CA LEU B 263 4.71 0.42 -22.86
C LEU B 263 5.22 -0.64 -21.88
N SER B 264 4.32 -1.50 -21.43
CA SER B 264 4.76 -2.71 -20.75
C SER B 264 5.38 -3.67 -21.75
N GLU B 265 5.98 -4.75 -21.24
CA GLU B 265 6.38 -5.83 -22.11
C GLU B 265 5.13 -6.44 -22.75
N PRO B 266 5.17 -6.77 -24.03
CA PRO B 266 3.94 -7.20 -24.71
C PRO B 266 3.47 -8.56 -24.24
N MET B 267 2.14 -8.70 -24.17
CA MET B 267 1.49 -10.00 -24.02
C MET B 267 0.77 -10.33 -25.31
N GLU B 268 0.76 -11.60 -25.67
CA GLU B 268 0.17 -12.03 -26.94
C GLU B 268 -1.32 -12.29 -26.76
N PHE B 269 -2.10 -11.82 -27.73
CA PHE B 269 -3.55 -12.04 -27.74
C PHE B 269 -3.92 -12.58 -29.12
N GLN B 270 -4.73 -13.64 -29.12
CA GLN B 270 -5.05 -14.36 -30.35
C GLN B 270 -6.50 -14.04 -30.73
N TYR B 271 -6.67 -13.27 -31.81
CA TYR B 271 -8.00 -13.03 -32.34
C TYR B 271 -8.47 -14.22 -33.15
N LEU B 272 -9.73 -14.59 -32.97
CA LEU B 272 -10.29 -15.77 -33.62
C LEU B 272 -11.53 -15.39 -34.43
N PRO B 273 -11.81 -16.08 -35.55
CA PRO B 273 -12.94 -15.71 -36.40
C PRO B 273 -14.32 -15.96 -35.79
N ASP B 274 -15.36 -15.57 -36.54
CA ASP B 274 -16.76 -15.86 -36.24
C ASP B 274 -17.34 -15.01 -35.10
#